data_7YY7
#
_entry.id   7YY7
#
_cell.length_a   75.712
_cell.length_b   124.878
_cell.length_c   119.177
_cell.angle_alpha   90.000
_cell.angle_beta   90.000
_cell.angle_gamma   90.000
#
_symmetry.space_group_name_H-M   'C 2 2 21'
#
loop_
_entity.id
_entity.type
_entity.pdbx_description
1 polymer 'Phosphopantetheine adenylyltransferase'
2 non-polymer 'SULFATE ION'
3 non-polymer '3-hydroxynaphthalene-2-carboxylic acid'
4 water water
#
_entity_poly.entity_id   1
_entity_poly.type   'polypeptide(L)'
_entity_poly.pdbx_seq_one_letter_code
;SMTGAVCPGSFDPVTLGHLDVFERAAAQFDEVIVAVLINPNKAGMFTVDERIEMIRESTADLPNLRVESGQGLLVDFVRE
RGLNAIVKGLRTGTDFEYELQMAQMNKHIAGVDTFFVATAPAYSFVSSSLAKEVATYGGDVSALLPASVHQRLLGKLRGQ
AQ
;
_entity_poly.pdbx_strand_id   A,B,C
#
loop_
_chem_comp.id
_chem_comp.type
_chem_comp.name
_chem_comp.formula
BZJ non-polymer '3-hydroxynaphthalene-2-carboxylic acid' 'C11 H8 O3'
SO4 non-polymer 'SULFATE ION' 'O4 S -2'
#
# COMPACT_ATOMS: atom_id res chain seq x y z
N MET A 2 30.09 12.46 20.40
CA MET A 2 30.62 11.87 19.18
C MET A 2 29.54 11.14 18.38
N THR A 3 28.72 10.35 19.07
CA THR A 3 27.70 9.55 18.38
C THR A 3 26.51 10.42 17.97
N GLY A 4 25.76 9.96 16.98
CA GLY A 4 24.62 10.74 16.52
C GLY A 4 23.72 10.00 15.56
N ALA A 5 22.46 10.40 15.53
CA ALA A 5 21.50 9.79 14.63
C ALA A 5 20.54 10.84 14.07
N VAL A 6 19.98 10.52 12.91
CA VAL A 6 18.96 11.35 12.27
C VAL A 6 17.61 10.65 12.35
N CYS A 7 16.59 11.40 12.77
CA CYS A 7 15.21 10.92 12.82
CA CYS A 7 15.22 10.89 12.78
C CYS A 7 14.40 11.60 11.72
N PRO A 8 14.11 10.90 10.62
CA PRO A 8 13.48 11.52 9.46
C PRO A 8 11.98 11.39 9.40
N GLY A 9 11.35 12.32 8.68
CA GLY A 9 9.92 12.24 8.46
C GLY A 9 9.42 13.52 7.80
N SER A 10 8.16 13.52 7.38
CA SER A 10 7.58 14.76 6.89
CA SER A 10 7.54 14.75 6.89
C SER A 10 6.97 15.55 8.04
N PHE A 11 6.62 14.86 9.13
CA PHE A 11 6.08 15.45 10.37
C PHE A 11 5.02 16.51 10.09
N ASP A 12 3.95 16.09 9.45
CA ASP A 12 2.92 17.01 8.98
C ASP A 12 1.53 16.61 9.47
N PRO A 13 1.29 16.71 10.80
CA PRO A 13 2.14 17.18 11.88
C PRO A 13 2.85 16.07 12.64
N VAL A 14 3.86 16.44 13.42
CA VAL A 14 4.47 15.53 14.40
C VAL A 14 3.39 14.97 15.37
N THR A 15 3.51 13.69 15.71
CA THR A 15 2.59 13.02 16.64
C THR A 15 3.33 12.60 17.92
N LEU A 16 2.61 12.08 18.91
CA LEU A 16 3.28 11.60 20.11
C LEU A 16 4.06 10.30 19.84
N GLY A 17 3.65 9.58 18.81
CA GLY A 17 4.44 8.46 18.31
C GLY A 17 5.84 8.90 17.88
N HIS A 18 5.93 9.98 17.10
CA HIS A 18 7.23 10.54 16.72
C HIS A 18 8.03 11.01 17.93
N LEU A 19 7.36 11.73 18.83
CA LEU A 19 8.06 12.26 19.99
C LEU A 19 8.65 11.16 20.86
N ASP A 20 7.92 10.05 21.01
CA ASP A 20 8.43 8.90 21.75
C ASP A 20 9.75 8.42 21.13
N VAL A 21 9.77 8.33 19.81
CA VAL A 21 10.98 7.89 19.11
C VAL A 21 12.11 8.92 19.26
N PHE A 22 11.79 10.21 19.13
CA PHE A 22 12.80 11.26 19.35
C PHE A 22 13.45 11.12 20.74
N GLU A 23 12.62 10.87 21.75
CA GLU A 23 13.10 10.81 23.14
C GLU A 23 14.03 9.63 23.36
N ARG A 24 13.71 8.50 22.73
CA ARG A 24 14.54 7.31 22.85
C ARG A 24 15.86 7.48 22.12
N ALA A 25 15.81 8.08 20.94
CA ALA A 25 17.05 8.38 20.23
C ALA A 25 17.91 9.36 21.03
N ALA A 26 17.30 10.39 21.60
CA ALA A 26 18.05 11.40 22.37
C ALA A 26 18.68 10.81 23.63
N ALA A 27 18.07 9.75 24.16
CA ALA A 27 18.60 9.10 25.34
C ALA A 27 19.76 8.17 25.00
N GLN A 28 19.87 7.74 23.73
CA GLN A 28 20.84 6.72 23.36
C GLN A 28 21.97 7.19 22.45
N PHE A 29 21.88 8.42 21.94
CA PHE A 29 22.89 8.98 21.05
C PHE A 29 23.32 10.35 21.58
N ASP A 30 24.56 10.76 21.36
CA ASP A 30 25.03 12.04 21.89
C ASP A 30 24.26 13.21 21.28
N GLU A 31 23.99 13.12 19.99
CA GLU A 31 23.16 14.14 19.33
C GLU A 31 22.11 13.51 18.43
N VAL A 32 20.96 14.16 18.34
CA VAL A 32 19.93 13.72 17.42
C VAL A 32 19.47 14.89 16.55
N ILE A 33 19.36 14.64 15.26
CA ILE A 33 18.81 15.64 14.36
C ILE A 33 17.50 15.13 13.80
N VAL A 34 16.42 15.86 14.04
CA VAL A 34 15.15 15.58 13.40
C VAL A 34 15.18 16.21 12.02
N ALA A 35 15.06 15.38 11.00
CA ALA A 35 15.12 15.85 9.62
C ALA A 35 13.71 15.93 9.06
N VAL A 36 13.26 17.17 8.81
CA VAL A 36 11.95 17.41 8.27
C VAL A 36 12.05 17.44 6.75
N LEU A 37 11.62 16.38 6.10
CA LEU A 37 11.87 16.29 4.68
C LEU A 37 10.68 16.90 3.93
N ILE A 38 10.99 17.84 3.04
CA ILE A 38 9.97 18.61 2.33
C ILE A 38 9.96 18.20 0.87
N ASN A 39 8.78 17.91 0.34
CA ASN A 39 8.64 17.70 -1.09
C ASN A 39 8.34 19.04 -1.75
N PRO A 40 9.26 19.53 -2.60
CA PRO A 40 9.04 20.85 -3.19
C PRO A 40 7.86 20.86 -4.17
N ASN A 41 7.38 19.68 -4.55
CA ASN A 41 6.30 19.58 -5.53
C ASN A 41 4.95 19.20 -4.94
N LYS A 42 4.85 19.11 -3.62
CA LYS A 42 3.54 18.95 -2.98
C LYS A 42 3.50 19.59 -1.59
N ALA A 43 2.70 20.62 -1.45
CA ALA A 43 2.49 21.27 -0.17
C ALA A 43 1.72 20.35 0.76
N GLY A 44 2.14 20.29 2.01
CA GLY A 44 1.41 19.51 2.99
C GLY A 44 0.36 20.38 3.65
N MET A 45 -0.08 19.97 4.83
CA MET A 45 -1.01 20.81 5.57
C MET A 45 -0.29 21.99 6.23
N PHE A 46 0.91 21.73 6.75
CA PHE A 46 1.69 22.74 7.44
C PHE A 46 2.92 23.13 6.63
N THR A 47 3.26 24.41 6.69
CA THR A 47 4.49 24.87 6.07
C THR A 47 5.70 24.34 6.83
N VAL A 48 6.89 24.47 6.24
CA VAL A 48 8.10 23.99 6.90
CA VAL A 48 8.10 23.99 6.88
C VAL A 48 8.33 24.66 8.24
N ASP A 49 8.12 25.98 8.31
CA ASP A 49 8.36 26.68 9.57
C ASP A 49 7.37 26.24 10.64
N GLU A 50 6.13 25.98 10.25
CA GLU A 50 5.13 25.50 11.21
C GLU A 50 5.51 24.13 11.75
N ARG A 51 5.93 23.24 10.85
CA ARG A 51 6.32 21.89 11.24
C ARG A 51 7.46 21.93 12.24
N ILE A 52 8.47 22.74 11.92
CA ILE A 52 9.65 22.84 12.78
C ILE A 52 9.29 23.43 14.13
N GLU A 53 8.43 24.45 14.12
CA GLU A 53 7.99 25.09 15.35
C GLU A 53 7.24 24.12 16.26
N MET A 54 6.40 23.29 15.68
CA MET A 54 5.65 22.34 16.49
C MET A 54 6.58 21.29 17.10
N ILE A 55 7.61 20.89 16.36
CA ILE A 55 8.57 19.92 16.90
C ILE A 55 9.42 20.54 18.01
N ARG A 56 9.90 21.77 17.79
CA ARG A 56 10.73 22.43 18.79
C ARG A 56 9.99 22.63 20.11
N GLU A 57 8.73 23.03 20.03
CA GLU A 57 7.97 23.29 21.23
C GLU A 57 7.71 22.01 22.04
N SER A 58 7.65 20.86 21.37
CA SER A 58 7.38 19.63 22.11
C SER A 58 8.67 18.85 22.43
N THR A 59 9.83 19.38 22.06
CA THR A 59 11.11 18.74 22.36
C THR A 59 12.03 19.63 23.21
N ALA A 60 11.46 20.67 23.81
CA ALA A 60 12.26 21.67 24.52
C ALA A 60 13.05 21.09 25.70
N ASP A 61 12.60 19.94 26.21
CA ASP A 61 13.27 19.25 27.31
C ASP A 61 14.33 18.24 26.86
N LEU A 62 14.66 18.27 25.57
CA LEU A 62 15.72 17.41 25.03
C LEU A 62 16.88 18.27 24.53
N PRO A 63 17.90 18.48 25.37
CA PRO A 63 18.93 19.46 25.04
C PRO A 63 19.84 19.06 23.88
N ASN A 64 19.90 17.77 23.55
CA ASN A 64 20.81 17.30 22.53
C ASN A 64 20.11 17.03 21.20
N LEU A 65 18.88 17.52 21.07
CA LEU A 65 18.11 17.34 19.85
C LEU A 65 17.99 18.66 19.10
N ARG A 66 18.22 18.64 17.79
CA ARG A 66 17.96 19.82 16.99
C ARG A 66 17.12 19.47 15.77
N VAL A 67 16.48 20.46 15.17
CA VAL A 67 15.53 20.22 14.09
C VAL A 67 15.93 20.98 12.84
N GLU A 68 16.00 20.29 11.71
CA GLU A 68 16.41 20.89 10.43
C GLU A 68 15.59 20.33 9.28
N SER A 69 15.27 21.16 8.29
CA SER A 69 14.57 20.64 7.12
C SER A 69 15.52 20.28 6.00
N GLY A 70 15.03 19.47 5.07
CA GLY A 70 15.80 19.13 3.89
C GLY A 70 14.94 18.52 2.81
N GLN A 71 15.58 18.16 1.70
CA GLN A 71 14.92 17.49 0.59
C GLN A 71 15.92 16.63 -0.15
N GLY A 72 15.47 15.87 -1.14
CA GLY A 72 16.37 14.97 -1.86
C GLY A 72 16.66 13.71 -1.06
N LEU A 73 17.84 13.14 -1.26
CA LEU A 73 18.21 11.88 -0.61
C LEU A 73 18.49 12.04 0.87
N LEU A 74 17.78 11.27 1.69
CA LEU A 74 18.02 11.25 3.13
C LEU A 74 19.51 11.01 3.42
N VAL A 75 20.14 10.05 2.73
CA VAL A 75 21.52 9.73 3.07
C VAL A 75 22.48 10.91 2.84
N ASP A 76 22.15 11.80 1.91
CA ASP A 76 22.97 13.00 1.74
C ASP A 76 22.83 13.94 2.93
N PHE A 77 21.60 14.07 3.43
CA PHE A 77 21.34 14.87 4.63
C PHE A 77 22.15 14.33 5.81
N VAL A 78 22.14 13.00 5.97
CA VAL A 78 22.84 12.37 7.07
C VAL A 78 24.36 12.56 6.95
N ARG A 79 24.91 12.27 5.78
CA ARG A 79 26.35 12.25 5.59
C ARG A 79 26.95 13.65 5.64
N GLU A 80 26.21 14.65 5.15
CA GLU A 80 26.76 16.01 5.12
C GLU A 80 26.88 16.58 6.52
N ARG A 81 26.23 15.94 7.50
CA ARG A 81 26.33 16.31 8.90
C ARG A 81 27.32 15.42 9.67
N GLY A 82 28.08 14.62 8.94
CA GLY A 82 29.11 13.77 9.52
C GLY A 82 28.56 12.58 10.29
N LEU A 83 27.32 12.22 10.01
CA LEU A 83 26.67 11.11 10.70
C LEU A 83 26.46 9.95 9.74
N ASN A 84 26.06 8.80 10.29
CA ASN A 84 25.97 7.60 9.51
C ASN A 84 24.84 6.69 9.99
N ALA A 85 23.92 7.26 10.77
CA ALA A 85 22.81 6.46 11.32
C ALA A 85 21.47 7.15 11.21
N ILE A 86 20.44 6.36 10.89
CA ILE A 86 19.06 6.79 10.85
C ILE A 86 18.33 6.02 11.95
N VAL A 87 17.48 6.69 12.72
CA VAL A 87 16.57 6.00 13.66
C VAL A 87 15.14 6.25 13.22
N LYS A 88 14.42 5.16 12.94
CA LYS A 88 13.08 5.18 12.39
C LYS A 88 12.14 4.42 13.32
N GLY A 89 10.96 5.01 13.58
CA GLY A 89 9.98 4.36 14.43
C GLY A 89 9.11 3.34 13.70
N LEU A 90 8.66 2.34 14.45
CA LEU A 90 7.67 1.36 13.97
C LEU A 90 6.37 1.51 14.75
N ARG A 91 5.25 1.47 14.03
CA ARG A 91 3.93 1.51 14.65
C ARG A 91 3.04 0.49 13.96
N THR A 92 1.81 0.37 14.45
CA THR A 92 0.81 -0.43 13.76
C THR A 92 0.48 0.22 12.43
N GLY A 93 0.65 -0.52 11.34
CA GLY A 93 0.35 0.00 10.02
C GLY A 93 1.58 0.46 9.25
N THR A 94 2.75 0.33 9.88
CA THR A 94 4.01 0.64 9.21
C THR A 94 4.25 -0.36 8.08
N ASP A 95 4.56 0.14 6.88
CA ASP A 95 4.97 -0.72 5.79
C ASP A 95 6.43 -1.12 6.01
N PHE A 96 6.64 -2.15 6.81
CA PHE A 96 8.00 -2.49 7.21
C PHE A 96 8.83 -3.03 6.05
N GLU A 97 8.19 -3.79 5.16
CA GLU A 97 8.91 -4.32 3.99
C GLU A 97 9.47 -3.19 3.15
N TYR A 98 8.68 -2.13 2.95
CA TYR A 98 9.22 -0.98 2.23
C TYR A 98 10.34 -0.31 3.01
N GLU A 99 10.17 -0.17 4.33
CA GLU A 99 11.24 0.41 5.16
C GLU A 99 12.53 -0.40 5.05
N LEU A 100 12.41 -1.73 5.04
CA LEU A 100 13.58 -2.60 4.91
C LEU A 100 14.25 -2.40 3.55
N GLN A 101 13.44 -2.32 2.49
CA GLN A 101 13.99 -2.07 1.17
C GLN A 101 14.79 -0.76 1.13
N MET A 102 14.23 0.30 1.70
CA MET A 102 14.92 1.58 1.73
C MET A 102 16.16 1.52 2.61
N ALA A 103 16.07 0.83 3.74
CA ALA A 103 17.26 0.69 4.56
C ALA A 103 18.41 -0.02 3.82
N GLN A 104 18.10 -1.10 3.11
CA GLN A 104 19.16 -1.82 2.39
C GLN A 104 19.72 -0.98 1.26
N MET A 105 18.86 -0.24 0.57
CA MET A 105 19.34 0.67 -0.48
C MET A 105 20.22 1.77 0.12
N ASN A 106 19.82 2.32 1.27
CA ASN A 106 20.58 3.42 1.85
C ASN A 106 21.95 2.98 2.33
N LYS A 107 22.03 1.74 2.80
CA LYS A 107 23.30 1.17 3.21
C LYS A 107 24.16 0.94 1.98
N HIS A 108 23.55 0.45 0.91
CA HIS A 108 24.28 0.18 -0.34
C HIS A 108 24.88 1.44 -0.94
N ILE A 109 24.10 2.51 -1.03
CA ILE A 109 24.58 3.70 -1.74
C ILE A 109 25.41 4.64 -0.91
N ALA A 110 25.31 4.59 0.42
CA ALA A 110 25.99 5.58 1.26
C ALA A 110 26.62 5.05 2.53
N GLY A 111 26.45 3.76 2.81
CA GLY A 111 27.01 3.16 4.01
C GLY A 111 26.31 3.59 5.30
N VAL A 112 25.10 4.12 5.17
CA VAL A 112 24.34 4.59 6.32
C VAL A 112 23.50 3.46 6.91
N ASP A 113 23.55 3.32 8.23
CA ASP A 113 22.78 2.28 8.93
C ASP A 113 21.43 2.79 9.40
N THR A 114 20.43 1.91 9.42
CA THR A 114 19.09 2.27 9.88
C THR A 114 18.73 1.40 11.06
N PHE A 115 18.39 2.05 12.17
CA PHE A 115 17.93 1.38 13.38
C PHE A 115 16.46 1.63 13.56
N PHE A 116 15.69 0.56 13.71
CA PHE A 116 14.25 0.67 13.92
C PHE A 116 13.92 0.46 15.38
N VAL A 117 12.97 1.25 15.89
CA VAL A 117 12.50 1.09 17.25
C VAL A 117 10.98 1.17 17.27
N ALA A 118 10.37 0.28 18.05
CA ALA A 118 8.92 0.28 18.16
C ALA A 118 8.44 1.40 19.07
N THR A 119 7.47 2.17 18.61
CA THR A 119 6.91 3.19 19.47
C THR A 119 6.08 2.54 20.59
N ALA A 120 5.87 3.29 21.65
CA ALA A 120 5.13 2.81 22.81
C ALA A 120 3.72 2.40 22.40
N PRO A 121 3.17 1.36 23.05
CA PRO A 121 1.82 0.90 22.69
C PRO A 121 0.76 2.01 22.67
N ALA A 122 0.77 2.92 23.63
CA ALA A 122 -0.24 3.99 23.66
C ALA A 122 -0.22 4.83 22.40
N TYR A 123 0.95 4.92 21.77
CA TYR A 123 1.12 5.78 20.60
C TYR A 123 1.30 4.97 19.31
N SER A 124 0.99 3.69 19.36
CA SER A 124 1.32 2.77 18.27
C SER A 124 0.32 2.80 17.11
N PHE A 125 -0.78 3.54 17.24
CA PHE A 125 -1.77 3.51 16.16
C PHE A 125 -2.02 4.91 15.58
N VAL A 126 -1.38 5.94 16.13
CA VAL A 126 -1.50 7.25 15.52
C VAL A 126 -0.50 7.34 14.37
N SER A 127 -0.91 8.04 13.32
CA SER A 127 0.01 8.45 12.26
C SER A 127 -0.39 9.87 11.90
N SER A 128 0.49 10.61 11.24
CA SER A 128 0.14 11.97 10.81
C SER A 128 -1.09 11.94 9.92
N SER A 129 -1.09 11.02 8.97
CA SER A 129 -2.18 10.91 8.02
CA SER A 129 -2.18 10.91 8.02
C SER A 129 -3.50 10.49 8.67
N LEU A 130 -3.46 9.49 9.55
CA LEU A 130 -4.72 9.07 10.19
C LEU A 130 -5.23 10.12 11.18
N ALA A 131 -4.31 10.83 11.84
CA ALA A 131 -4.73 11.89 12.76
C ALA A 131 -5.44 13.01 12.00
N LYS A 132 -4.89 13.39 10.85
CA LYS A 132 -5.51 14.41 10.03
C LYS A 132 -6.88 13.95 9.53
N GLU A 133 -6.99 12.70 9.10
CA GLU A 133 -8.25 12.20 8.56
C GLU A 133 -9.32 12.17 9.63
N VAL A 134 -8.95 11.67 10.81
CA VAL A 134 -9.91 11.58 11.90
C VAL A 134 -10.35 12.96 12.35
N ALA A 135 -9.40 13.88 12.49
CA ALA A 135 -9.74 15.23 12.96
C ALA A 135 -10.60 15.98 11.95
N THR A 136 -10.42 15.67 10.66
CA THR A 136 -11.20 16.30 9.59
C THR A 136 -12.69 16.06 9.79
N TYR A 137 -13.02 14.86 10.25
CA TYR A 137 -14.41 14.48 10.45
C TYR A 137 -14.84 14.53 11.91
N GLY A 138 -14.07 15.26 12.72
CA GLY A 138 -14.48 15.55 14.09
C GLY A 138 -13.99 14.64 15.21
N GLY A 139 -13.23 13.60 14.89
CA GLY A 139 -12.80 12.67 15.91
C GLY A 139 -11.78 13.26 16.86
N ASP A 140 -11.79 12.80 18.10
CA ASP A 140 -10.93 13.35 19.14
C ASP A 140 -9.55 12.69 19.17
N VAL A 141 -8.55 13.42 18.67
CA VAL A 141 -7.19 12.92 18.62
C VAL A 141 -6.28 13.68 19.58
N SER A 142 -6.89 14.43 20.50
CA SER A 142 -6.17 15.26 21.45
C SER A 142 -5.16 14.48 22.31
N ALA A 143 -5.43 13.21 22.57
CA ALA A 143 -4.52 12.43 23.41
C ALA A 143 -3.34 11.85 22.62
N LEU A 144 -3.35 12.06 21.30
CA LEU A 144 -2.36 11.40 20.45
C LEU A 144 -1.36 12.38 19.86
N LEU A 145 -1.57 13.66 20.13
CA LEU A 145 -0.73 14.72 19.57
C LEU A 145 -0.24 15.64 20.68
N PRO A 146 0.97 16.21 20.51
CA PRO A 146 1.43 17.17 21.52
C PRO A 146 0.59 18.44 21.52
N ALA A 147 0.57 19.14 22.66
CA ALA A 147 -0.14 20.41 22.78
C ALA A 147 0.27 21.42 21.70
N SER A 148 1.52 21.35 21.25
CA SER A 148 2.01 22.28 20.22
C SER A 148 1.30 22.09 18.89
N VAL A 149 0.57 20.98 18.76
CA VAL A 149 -0.01 20.57 17.48
C VAL A 149 -1.52 20.65 17.42
N HIS A 150 -2.18 20.18 18.48
CA HIS A 150 -3.59 19.82 18.38
C HIS A 150 -4.50 20.96 17.92
N GLN A 151 -4.43 22.09 18.60
CA GLN A 151 -5.31 23.19 18.24
C GLN A 151 -4.87 23.88 16.95
N ARG A 152 -3.57 23.84 16.63
CA ARG A 152 -3.13 24.33 15.32
C ARG A 152 -3.71 23.45 14.21
N LEU A 153 -3.76 22.15 14.44
CA LEU A 153 -4.39 21.24 13.50
C LEU A 153 -5.87 21.60 13.31
N LEU A 154 -6.58 21.80 14.42
CA LEU A 154 -7.99 22.15 14.31
C LEU A 154 -8.15 23.48 13.60
N GLY A 155 -7.20 24.39 13.83
CA GLY A 155 -7.18 25.66 13.13
C GLY A 155 -7.10 25.50 11.63
N LYS A 156 -6.15 24.70 11.16
CA LYS A 156 -6.00 24.44 9.73
C LYS A 156 -7.26 23.87 9.11
N LEU A 157 -7.92 22.97 9.84
CA LEU A 157 -9.10 22.30 9.33
C LEU A 157 -10.30 23.25 9.29
N ARG A 158 -10.27 24.26 10.14
CA ARG A 158 -11.31 25.28 10.11
C ARG A 158 -10.85 26.54 9.38
N SER B 1 -32.49 -7.43 26.00
CA SER B 1 -31.18 -7.41 25.35
C SER B 1 -31.30 -7.10 23.86
N MET B 2 -30.26 -6.53 23.28
CA MET B 2 -30.27 -6.18 21.87
C MET B 2 -28.86 -5.93 21.33
N THR B 3 -28.30 -6.92 20.64
CA THR B 3 -26.94 -6.79 20.13
C THR B 3 -26.95 -6.30 18.68
N GLY B 4 -25.83 -5.76 18.21
CA GLY B 4 -25.82 -5.31 16.84
C GLY B 4 -24.43 -4.96 16.34
N ALA B 5 -24.27 -4.96 15.03
CA ALA B 5 -22.98 -4.63 14.41
C ALA B 5 -23.18 -3.95 13.07
N VAL B 6 -22.18 -3.17 12.66
CA VAL B 6 -22.18 -2.51 11.38
C VAL B 6 -21.13 -3.14 10.45
N CYS B 7 -21.51 -3.41 9.21
CA CYS B 7 -20.59 -3.92 8.17
C CYS B 7 -20.36 -2.84 7.14
N PRO B 8 -19.18 -2.21 7.13
CA PRO B 8 -18.92 -1.03 6.30
C PRO B 8 -18.22 -1.33 4.99
N GLY B 9 -18.44 -0.47 3.99
CA GLY B 9 -17.70 -0.59 2.75
C GLY B 9 -18.26 0.32 1.69
N SER B 10 -17.60 0.35 0.54
CA SER B 10 -18.17 1.04 -0.61
C SER B 10 -19.03 0.11 -1.45
N PHE B 11 -18.72 -1.19 -1.45
CA PHE B 11 -19.52 -2.22 -2.16
C PHE B 11 -19.85 -1.82 -3.60
N ASP B 12 -18.82 -1.63 -4.42
CA ASP B 12 -18.96 -1.12 -5.78
C ASP B 12 -18.36 -2.07 -6.83
N PRO B 13 -18.99 -3.23 -7.05
CA PRO B 13 -20.24 -3.75 -6.46
C PRO B 13 -20.00 -4.71 -5.31
N VAL B 14 -21.08 -5.07 -4.60
CA VAL B 14 -20.99 -6.11 -3.58
C VAL B 14 -20.55 -7.45 -4.21
N THR B 15 -19.71 -8.19 -3.48
CA THR B 15 -19.23 -9.48 -3.96
C THR B 15 -19.74 -10.61 -3.08
N LEU B 16 -19.51 -11.84 -3.50
CA LEU B 16 -19.87 -12.98 -2.64
C LEU B 16 -19.01 -13.06 -1.38
N GLY B 17 -17.82 -12.45 -1.42
CA GLY B 17 -17.02 -12.33 -0.22
C GLY B 17 -17.71 -11.45 0.82
N HIS B 18 -18.23 -10.31 0.36
CA HIS B 18 -19.01 -9.44 1.24
C HIS B 18 -20.23 -10.16 1.79
N LEU B 19 -20.94 -10.85 0.91
CA LEU B 19 -22.20 -11.50 1.30
C LEU B 19 -21.93 -12.56 2.36
N ASP B 20 -20.80 -13.28 2.20
CA ASP B 20 -20.45 -14.29 3.18
C ASP B 20 -20.28 -13.64 4.57
N VAL B 21 -19.60 -12.51 4.63
CA VAL B 21 -19.45 -11.76 5.89
C VAL B 21 -20.80 -11.28 6.43
N PHE B 22 -21.64 -10.75 5.54
CA PHE B 22 -22.95 -10.29 5.95
C PHE B 22 -23.74 -11.41 6.63
N GLU B 23 -23.68 -12.61 6.05
CA GLU B 23 -24.43 -13.76 6.53
C GLU B 23 -23.91 -14.16 7.90
N ARG B 24 -22.61 -14.10 8.09
CA ARG B 24 -22.08 -14.51 9.39
C ARG B 24 -22.41 -13.47 10.45
N ALA B 25 -22.34 -12.20 10.11
CA ALA B 25 -22.73 -11.16 11.05
C ALA B 25 -24.21 -11.32 11.42
N ALA B 26 -25.05 -11.56 10.42
CA ALA B 26 -26.49 -11.60 10.66
C ALA B 26 -26.86 -12.80 11.53
N ALA B 27 -26.04 -13.85 11.47
CA ALA B 27 -26.28 -15.05 12.25
C ALA B 27 -25.86 -14.89 13.72
N GLN B 28 -25.02 -13.90 14.00
CA GLN B 28 -24.42 -13.79 15.33
C GLN B 28 -24.87 -12.56 16.11
N PHE B 29 -25.49 -11.60 15.42
CA PHE B 29 -25.95 -10.34 16.05
C PHE B 29 -27.43 -10.14 15.81
N ASP B 30 -28.12 -9.51 16.77
CA ASP B 30 -29.58 -9.35 16.64
C ASP B 30 -29.92 -8.45 15.46
N GLU B 31 -29.07 -7.46 15.23
CA GLU B 31 -29.28 -6.51 14.15
C GLU B 31 -27.94 -6.24 13.43
N VAL B 32 -27.99 -6.15 12.11
CA VAL B 32 -26.82 -5.78 11.32
C VAL B 32 -27.19 -4.64 10.39
N ILE B 33 -26.34 -3.62 10.34
CA ILE B 33 -26.50 -2.56 9.37
C ILE B 33 -25.32 -2.59 8.40
N VAL B 34 -25.60 -2.75 7.12
CA VAL B 34 -24.57 -2.62 6.09
C VAL B 34 -24.47 -1.12 5.78
N ALA B 35 -23.30 -0.55 5.98
CA ALA B 35 -23.09 0.89 5.80
C ALA B 35 -22.37 1.12 4.50
N VAL B 36 -23.06 1.76 3.56
CA VAL B 36 -22.55 2.01 2.22
C VAL B 36 -21.97 3.41 2.14
N LEU B 37 -20.67 3.51 1.90
CA LEU B 37 -19.97 4.77 1.91
C LEU B 37 -20.31 5.65 0.71
N ILE B 38 -20.67 6.90 0.96
CA ILE B 38 -20.75 7.86 -0.12
C ILE B 38 -19.44 8.66 -0.12
N ASN B 39 -18.76 8.70 -1.26
CA ASN B 39 -17.54 9.48 -1.36
C ASN B 39 -17.67 10.56 -2.42
N PRO B 40 -17.56 11.83 -2.00
CA PRO B 40 -17.78 12.98 -2.89
C PRO B 40 -16.73 13.12 -3.99
N ASN B 41 -15.54 12.57 -3.75
CA ASN B 41 -14.48 12.67 -4.74
C ASN B 41 -14.56 11.54 -5.75
N LYS B 42 -13.94 10.41 -5.43
CA LYS B 42 -13.92 9.24 -6.30
C LYS B 42 -15.29 8.58 -6.44
N ALA B 43 -16.00 8.93 -7.50
CA ALA B 43 -17.27 8.29 -7.84
C ALA B 43 -16.97 7.04 -8.65
N GLY B 44 -17.40 5.89 -8.15
CA GLY B 44 -17.09 4.62 -8.78
C GLY B 44 -17.99 4.30 -9.96
N MET B 45 -18.27 3.00 -10.13
CA MET B 45 -19.02 2.50 -11.27
C MET B 45 -20.53 2.57 -11.03
N PHE B 46 -20.95 2.31 -9.81
CA PHE B 46 -22.38 2.29 -9.48
C PHE B 46 -22.75 3.43 -8.55
N THR B 47 -23.93 4.01 -8.76
CA THR B 47 -24.41 5.04 -7.84
C THR B 47 -24.72 4.40 -6.49
N VAL B 48 -24.81 5.22 -5.45
CA VAL B 48 -25.11 4.73 -4.11
C VAL B 48 -26.45 4.00 -4.09
N ASP B 49 -27.44 4.49 -4.82
CA ASP B 49 -28.72 3.79 -4.88
C ASP B 49 -28.59 2.43 -5.54
N GLU B 50 -27.81 2.36 -6.62
CA GLU B 50 -27.62 1.09 -7.29
C GLU B 50 -26.90 0.12 -6.36
N ARG B 51 -25.93 0.62 -5.61
CA ARG B 51 -25.17 -0.26 -4.70
C ARG B 51 -26.06 -0.81 -3.59
N ILE B 52 -26.91 0.04 -3.03
CA ILE B 52 -27.87 -0.35 -1.99
C ILE B 52 -28.85 -1.39 -2.53
N GLU B 53 -29.35 -1.17 -3.75
CA GLU B 53 -30.27 -2.11 -4.37
C GLU B 53 -29.63 -3.47 -4.58
N MET B 54 -28.37 -3.50 -5.02
CA MET B 54 -27.67 -4.75 -5.24
C MET B 54 -27.45 -5.50 -3.92
N ILE B 55 -27.15 -4.77 -2.86
CA ILE B 55 -26.98 -5.39 -1.55
C ILE B 55 -28.32 -5.93 -1.05
N ARG B 56 -29.38 -5.15 -1.19
CA ARG B 56 -30.70 -5.61 -0.76
C ARG B 56 -31.15 -6.86 -1.52
N GLU B 57 -30.91 -6.93 -2.83
CA GLU B 57 -31.29 -8.15 -3.54
C GLU B 57 -30.52 -9.36 -2.99
N SER B 58 -29.24 -9.15 -2.70
CA SER B 58 -28.37 -10.25 -2.28
C SER B 58 -28.63 -10.72 -0.86
N THR B 59 -29.21 -9.83 -0.06
CA THR B 59 -29.47 -10.12 1.35
C THR B 59 -30.95 -10.30 1.67
N ALA B 60 -31.73 -10.68 0.65
CA ALA B 60 -33.17 -10.78 0.81
C ALA B 60 -33.56 -11.78 1.90
N ASP B 61 -32.71 -12.77 2.16
CA ASP B 61 -33.01 -13.82 3.15
C ASP B 61 -32.53 -13.49 4.55
N LEU B 62 -32.05 -12.27 4.76
CA LEU B 62 -31.51 -11.84 6.05
C LEU B 62 -32.43 -10.79 6.68
N PRO B 63 -33.44 -11.22 7.45
CA PRO B 63 -34.43 -10.24 7.91
C PRO B 63 -33.91 -9.24 8.93
N ASN B 64 -32.83 -9.58 9.63
CA ASN B 64 -32.30 -8.69 10.65
C ASN B 64 -31.16 -7.81 10.16
N LEU B 65 -30.97 -7.76 8.84
CA LEU B 65 -29.95 -6.93 8.22
C LEU B 65 -30.63 -5.85 7.41
N ARG B 66 -30.19 -4.61 7.59
CA ARG B 66 -30.67 -3.53 6.75
C ARG B 66 -29.51 -2.77 6.16
N VAL B 67 -29.78 -2.03 5.08
CA VAL B 67 -28.74 -1.32 4.33
C VAL B 67 -28.98 0.18 4.38
N GLU B 68 -27.94 0.93 4.76
CA GLU B 68 -28.02 2.39 4.85
C GLU B 68 -26.75 3.01 4.28
N SER B 69 -26.87 4.22 3.74
CA SER B 69 -25.71 4.92 3.25
C SER B 69 -25.24 5.92 4.28
N GLY B 70 -24.01 6.37 4.14
CA GLY B 70 -23.44 7.28 5.11
C GLY B 70 -22.16 7.90 4.62
N GLN B 71 -21.65 8.81 5.44
CA GLN B 71 -20.55 9.67 5.07
C GLN B 71 -19.77 10.03 6.33
N GLY B 72 -18.49 10.37 6.18
CA GLY B 72 -17.71 10.85 7.30
C GLY B 72 -17.13 9.75 8.17
N LEU B 73 -17.08 9.99 9.47
CA LEU B 73 -16.47 9.08 10.43
C LEU B 73 -17.34 7.84 10.63
N LEU B 74 -16.77 6.65 10.40
CA LEU B 74 -17.54 5.42 10.57
C LEU B 74 -18.04 5.27 12.00
N VAL B 75 -17.22 5.60 13.00
CA VAL B 75 -17.66 5.39 14.37
C VAL B 75 -18.83 6.31 14.73
N ASP B 76 -18.99 7.42 14.03
CA ASP B 76 -20.16 8.26 14.25
C ASP B 76 -21.41 7.61 13.70
N PHE B 77 -21.29 7.03 12.51
CA PHE B 77 -22.38 6.26 11.91
C PHE B 77 -22.84 5.16 12.88
N VAL B 78 -21.87 4.44 13.44
CA VAL B 78 -22.15 3.35 14.34
C VAL B 78 -22.84 3.81 15.61
N ARG B 79 -22.27 4.82 16.26
CA ARG B 79 -22.78 5.27 17.55
C ARG B 79 -24.13 5.96 17.40
N GLU B 80 -24.36 6.62 16.27
CA GLU B 80 -25.64 7.30 16.01
C GLU B 80 -26.81 6.33 15.95
N ARG B 81 -26.52 5.06 15.66
CA ARG B 81 -27.52 4.04 15.56
C ARG B 81 -27.56 3.17 16.80
N GLY B 82 -26.94 3.66 17.87
CA GLY B 82 -26.99 3.01 19.17
C GLY B 82 -26.19 1.73 19.25
N LEU B 83 -25.21 1.61 18.37
CA LEU B 83 -24.38 0.40 18.34
C LEU B 83 -22.94 0.74 18.69
N ASN B 84 -22.12 -0.29 18.90
CA ASN B 84 -20.69 -0.02 19.10
CA ASN B 84 -20.76 -0.15 19.33
C ASN B 84 -19.82 -1.20 18.74
N ALA B 85 -20.20 -1.84 17.63
CA ALA B 85 -19.40 -2.89 17.01
C ALA B 85 -19.42 -2.76 15.51
N ILE B 86 -18.25 -3.03 14.93
CA ILE B 86 -18.01 -3.12 13.49
C ILE B 86 -17.59 -4.56 13.17
N VAL B 87 -18.12 -5.15 12.10
CA VAL B 87 -17.66 -6.47 11.65
C VAL B 87 -17.05 -6.28 10.28
N LYS B 88 -15.78 -6.64 10.14
CA LYS B 88 -15.08 -6.48 8.88
C LYS B 88 -14.54 -7.80 8.37
N GLY B 89 -14.66 -8.03 7.08
CA GLY B 89 -14.15 -9.30 6.55
C GLY B 89 -12.70 -9.25 6.12
N LEU B 90 -12.02 -10.38 6.18
CA LEU B 90 -10.63 -10.52 5.73
C LEU B 90 -10.59 -11.44 4.51
N ARG B 91 -9.81 -11.05 3.52
CA ARG B 91 -9.62 -11.89 2.32
C ARG B 91 -8.14 -11.87 1.95
N THR B 92 -7.76 -12.63 0.93
CA THR B 92 -6.36 -12.58 0.48
C THR B 92 -6.15 -11.19 -0.11
N GLY B 93 -5.15 -10.47 0.38
CA GLY B 93 -4.92 -9.12 -0.16
C GLY B 93 -5.44 -8.04 0.78
N THR B 94 -6.07 -8.43 1.89
CA THR B 94 -6.50 -7.37 2.83
C THR B 94 -5.27 -6.72 3.47
N ASP B 95 -5.24 -5.40 3.56
CA ASP B 95 -4.13 -4.74 4.30
C ASP B 95 -4.51 -4.86 5.77
N PHE B 96 -4.12 -5.96 6.38
CA PHE B 96 -4.60 -6.21 7.73
C PHE B 96 -3.92 -5.30 8.74
N GLU B 97 -2.64 -4.98 8.52
CA GLU B 97 -1.95 -4.08 9.44
C GLU B 97 -2.65 -2.72 9.46
N TYR B 98 -3.11 -2.23 8.31
CA TYR B 98 -3.85 -0.98 8.29
C TYR B 98 -5.22 -1.13 8.96
N GLU B 99 -5.88 -2.25 8.73
CA GLU B 99 -7.15 -2.52 9.41
C GLU B 99 -6.97 -2.54 10.92
N LEU B 100 -5.87 -3.11 11.40
CA LEU B 100 -5.62 -3.12 12.84
C LEU B 100 -5.42 -1.72 13.39
N GLN B 101 -4.67 -0.90 12.65
CA GLN B 101 -4.45 0.49 13.04
C GLN B 101 -5.76 1.22 13.19
N MET B 102 -6.62 1.07 12.19
CA MET B 102 -7.92 1.74 12.21
C MET B 102 -8.79 1.19 13.34
N ALA B 103 -8.71 -0.12 13.62
CA ALA B 103 -9.50 -0.68 14.71
C ALA B 103 -9.07 -0.09 16.05
N GLN B 104 -7.77 0.05 16.25
CA GLN B 104 -7.28 0.61 17.51
C GLN B 104 -7.66 2.08 17.60
N MET B 105 -7.57 2.79 16.48
CA MET B 105 -8.00 4.19 16.47
C MET B 105 -9.49 4.33 16.79
N ASN B 106 -10.30 3.49 16.16
CA ASN B 106 -11.75 3.56 16.37
C ASN B 106 -12.16 3.21 17.79
N LYS B 107 -11.46 2.27 18.41
CA LYS B 107 -11.70 1.98 19.82
C LYS B 107 -11.33 3.17 20.69
N HIS B 108 -10.21 3.81 20.36
CA HIS B 108 -9.72 4.93 21.17
C HIS B 108 -10.64 6.14 21.11
N ILE B 109 -11.07 6.52 19.92
CA ILE B 109 -11.84 7.75 19.80
C ILE B 109 -13.32 7.59 20.11
N ALA B 110 -13.86 6.37 20.08
CA ALA B 110 -15.30 6.24 20.24
C ALA B 110 -15.74 5.01 20.99
N GLY B 111 -14.80 4.16 21.40
CA GLY B 111 -15.14 3.00 22.21
C GLY B 111 -15.80 1.89 21.42
N VAL B 112 -15.68 1.96 20.10
CA VAL B 112 -16.25 0.96 19.19
C VAL B 112 -15.30 -0.21 18.98
N ASP B 113 -15.82 -1.44 19.13
CA ASP B 113 -15.03 -2.65 18.90
C ASP B 113 -15.09 -3.08 17.43
N THR B 114 -14.02 -3.72 16.95
CA THR B 114 -14.03 -4.27 15.60
C THR B 114 -13.75 -5.75 15.64
N PHE B 115 -14.67 -6.53 15.06
CA PHE B 115 -14.49 -7.98 14.96
C PHE B 115 -14.16 -8.34 13.52
N PHE B 116 -13.08 -9.07 13.33
CA PHE B 116 -12.70 -9.49 11.98
C PHE B 116 -13.07 -10.93 11.73
N VAL B 117 -13.56 -11.22 10.52
CA VAL B 117 -13.88 -12.60 10.14
C VAL B 117 -13.34 -12.88 8.77
N ALA B 118 -12.74 -14.05 8.60
CA ALA B 118 -12.23 -14.44 7.30
C ALA B 118 -13.34 -14.95 6.41
N THR B 119 -13.37 -14.46 5.18
CA THR B 119 -14.28 -14.99 4.18
C THR B 119 -13.95 -16.42 3.83
N ALA B 120 -14.94 -17.14 3.34
CA ALA B 120 -14.75 -18.52 2.91
C ALA B 120 -13.68 -18.57 1.84
N PRO B 121 -12.90 -19.67 1.80
CA PRO B 121 -11.83 -19.78 0.81
C PRO B 121 -12.30 -19.56 -0.63
N ALA B 122 -13.49 -20.03 -1.00
CA ALA B 122 -13.98 -19.85 -2.37
C ALA B 122 -14.11 -18.39 -2.76
N TYR B 123 -14.32 -17.54 -1.76
CA TYR B 123 -14.58 -16.14 -2.02
C TYR B 123 -13.44 -15.27 -1.51
N SER B 124 -12.29 -15.88 -1.26
CA SER B 124 -11.20 -15.19 -0.58
C SER B 124 -10.29 -14.37 -1.49
N PHE B 125 -10.46 -14.48 -2.81
CA PHE B 125 -9.59 -13.71 -3.69
C PHE B 125 -10.36 -12.70 -4.54
N VAL B 126 -11.68 -12.65 -4.41
CA VAL B 126 -12.44 -11.63 -5.12
C VAL B 126 -12.42 -10.32 -4.32
N SER B 127 -12.39 -9.21 -5.04
CA SER B 127 -12.59 -7.91 -4.45
C SER B 127 -13.39 -7.11 -5.46
N SER B 128 -13.99 -6.02 -5.01
CA SER B 128 -14.81 -5.21 -5.90
C SER B 128 -13.95 -4.71 -7.05
N SER B 129 -12.77 -4.21 -6.71
CA SER B 129 -11.88 -3.62 -7.72
CA SER B 129 -11.90 -3.61 -7.73
C SER B 129 -11.37 -4.66 -8.71
N LEU B 130 -10.96 -5.81 -8.21
CA LEU B 130 -10.41 -6.83 -9.09
C LEU B 130 -11.51 -7.47 -9.96
N ALA B 131 -12.72 -7.62 -9.41
CA ALA B 131 -13.83 -8.12 -10.20
C ALA B 131 -14.13 -7.19 -11.39
N LYS B 132 -14.16 -5.89 -11.14
CA LYS B 132 -14.42 -4.93 -12.21
C LYS B 132 -13.33 -4.98 -13.27
N GLU B 133 -12.07 -5.09 -12.82
CA GLU B 133 -10.95 -5.09 -13.74
C GLU B 133 -10.98 -6.31 -14.63
N VAL B 134 -11.22 -7.48 -14.04
CA VAL B 134 -11.26 -8.71 -14.82
C VAL B 134 -12.43 -8.70 -15.79
N ALA B 135 -13.58 -8.21 -15.34
CA ALA B 135 -14.79 -8.22 -16.16
C ALA B 135 -14.65 -7.26 -17.34
N THR B 136 -13.97 -6.14 -17.12
CA THR B 136 -13.76 -5.13 -18.15
C THR B 136 -13.07 -5.73 -19.37
N TYR B 137 -12.20 -6.71 -19.14
CA TYR B 137 -11.44 -7.30 -20.23
C TYR B 137 -12.00 -8.66 -20.63
N GLY B 138 -13.22 -8.95 -20.18
CA GLY B 138 -13.93 -10.13 -20.63
C GLY B 138 -13.71 -11.39 -19.82
N GLY B 139 -13.06 -11.24 -18.66
CA GLY B 139 -12.90 -12.37 -17.77
C GLY B 139 -14.21 -12.74 -17.11
N ASP B 140 -14.36 -14.02 -16.75
CA ASP B 140 -15.58 -14.56 -16.19
C ASP B 140 -15.53 -14.58 -14.65
N VAL B 141 -16.19 -13.60 -14.03
CA VAL B 141 -16.23 -13.54 -12.57
C VAL B 141 -17.62 -13.87 -12.02
N SER B 142 -18.42 -14.55 -12.82
CA SER B 142 -19.81 -14.83 -12.44
C SER B 142 -19.94 -15.75 -11.23
N ALA B 143 -18.92 -16.58 -10.98
CA ALA B 143 -18.95 -17.47 -9.81
C ALA B 143 -18.61 -16.74 -8.51
N LEU B 144 -18.24 -15.47 -8.63
CA LEU B 144 -17.72 -14.72 -7.51
C LEU B 144 -18.61 -13.57 -7.06
N LEU B 145 -19.71 -13.36 -7.80
CA LEU B 145 -20.63 -12.25 -7.54
C LEU B 145 -22.04 -12.79 -7.45
N PRO B 146 -22.92 -12.08 -6.74
CA PRO B 146 -24.34 -12.48 -6.77
C PRO B 146 -24.85 -12.41 -8.21
N ALA B 147 -25.86 -13.22 -8.54
CA ALA B 147 -26.30 -13.34 -9.93
C ALA B 147 -26.76 -12.01 -10.51
N SER B 148 -27.49 -11.24 -9.72
CA SER B 148 -28.02 -9.97 -10.20
C SER B 148 -26.93 -8.91 -10.36
N VAL B 149 -25.90 -8.97 -9.51
CA VAL B 149 -24.78 -8.06 -9.62
C VAL B 149 -24.05 -8.28 -10.93
N HIS B 150 -23.81 -9.55 -11.27
CA HIS B 150 -23.14 -9.93 -12.50
C HIS B 150 -23.90 -9.36 -13.70
N GLN B 151 -25.21 -9.53 -13.68
CA GLN B 151 -26.08 -9.01 -14.73
C GLN B 151 -25.92 -7.49 -14.89
N ARG B 152 -25.98 -6.76 -13.77
CA ARG B 152 -25.84 -5.32 -13.79
C ARG B 152 -24.46 -4.88 -14.25
N LEU B 153 -23.44 -5.65 -13.88
CA LEU B 153 -22.05 -5.32 -14.21
C LEU B 153 -21.81 -5.41 -15.70
N LEU B 154 -22.34 -6.46 -16.32
CA LEU B 154 -22.24 -6.63 -17.77
C LEU B 154 -22.91 -5.46 -18.47
N GLY B 155 -24.01 -4.99 -17.90
CA GLY B 155 -24.72 -3.83 -18.43
C GLY B 155 -23.91 -2.56 -18.42
N LYS B 156 -23.21 -2.29 -17.32
CA LYS B 156 -22.44 -1.05 -17.19
C LYS B 156 -21.22 -1.02 -18.12
N LEU B 157 -20.76 -2.20 -18.53
CA LEU B 157 -19.59 -2.29 -19.40
C LEU B 157 -19.92 -2.09 -20.87
N ARG B 158 -21.18 -2.34 -21.24
CA ARG B 158 -21.63 -2.14 -22.62
C ARG B 158 -21.86 -0.67 -22.92
N MET C 2 7.67 -29.33 -24.45
CA MET C 2 7.14 -28.02 -24.83
C MET C 2 6.69 -27.21 -23.62
N THR C 3 7.57 -27.07 -22.64
CA THR C 3 7.23 -26.30 -21.44
C THR C 3 7.50 -24.82 -21.66
N GLY C 4 6.87 -23.98 -20.87
CA GLY C 4 7.09 -22.55 -20.99
C GLY C 4 6.41 -21.70 -19.95
N ALA C 5 6.96 -20.52 -19.72
CA ALA C 5 6.40 -19.58 -18.76
C ALA C 5 6.52 -18.16 -19.27
N VAL C 6 5.65 -17.29 -18.75
CA VAL C 6 5.69 -15.87 -19.01
C VAL C 6 6.16 -15.10 -17.78
N CYS C 7 7.07 -14.15 -17.98
CA CYS C 7 7.53 -13.25 -16.90
C CYS C 7 7.04 -11.84 -17.19
N PRO C 8 6.03 -11.37 -16.43
CA PRO C 8 5.38 -10.08 -16.71
C PRO C 8 5.97 -8.90 -15.94
N GLY C 9 5.81 -7.70 -16.49
CA GLY C 9 6.11 -6.49 -15.76
C GLY C 9 6.00 -5.28 -16.64
N SER C 10 6.25 -4.10 -16.07
CA SER C 10 6.37 -2.91 -16.88
C SER C 10 7.84 -2.67 -17.25
N PHE C 11 8.76 -3.13 -16.39
CA PHE C 11 10.21 -3.05 -16.63
C PHE C 11 10.67 -1.66 -17.09
N ASP C 12 10.47 -0.66 -16.25
CA ASP C 12 10.71 0.73 -16.61
C ASP C 12 11.75 1.39 -15.69
N PRO C 13 13.01 0.97 -15.77
CA PRO C 13 13.62 -0.02 -16.67
C PRO C 13 13.79 -1.38 -16.00
N VAL C 14 14.15 -2.38 -16.80
CA VAL C 14 14.56 -3.68 -16.29
C VAL C 14 15.76 -3.53 -15.35
N THR C 15 15.71 -4.24 -14.23
CA THR C 15 16.80 -4.24 -13.25
C THR C 15 17.51 -5.58 -13.25
N LEU C 16 18.60 -5.68 -12.49
CA LEU C 16 19.29 -6.97 -12.34
C LEU C 16 18.45 -7.95 -11.54
N GLY C 17 17.55 -7.44 -10.72
CA GLY C 17 16.60 -8.33 -10.04
C GLY C 17 15.68 -9.05 -11.02
N HIS C 18 15.17 -8.30 -11.99
CA HIS C 18 14.36 -8.88 -13.06
C HIS C 18 15.19 -9.89 -13.87
N LEU C 19 16.40 -9.50 -14.25
CA LEU C 19 17.24 -10.36 -15.07
C LEU C 19 17.56 -11.68 -14.38
N ASP C 20 17.75 -11.64 -13.07
CA ASP C 20 18.02 -12.84 -12.30
C ASP C 20 16.82 -13.80 -12.43
N VAL C 21 15.62 -13.25 -12.33
CA VAL C 21 14.41 -14.07 -12.48
C VAL C 21 14.29 -14.63 -13.91
N PHE C 22 14.56 -13.79 -14.91
CA PHE C 22 14.55 -14.23 -16.32
C PHE C 22 15.47 -15.44 -16.53
N GLU C 23 16.67 -15.37 -15.95
CA GLU C 23 17.68 -16.39 -16.15
C GLU C 23 17.26 -17.70 -15.50
N ARG C 24 16.62 -17.60 -14.34
CA ARG C 24 16.13 -18.81 -13.68
C ARG C 24 14.97 -19.41 -14.43
N ALA C 25 14.03 -18.57 -14.88
CA ALA C 25 12.93 -19.07 -15.70
C ALA C 25 13.47 -19.72 -16.97
N ALA C 26 14.43 -19.06 -17.62
CA ALA C 26 15.02 -19.59 -18.86
C ALA C 26 15.75 -20.92 -18.65
N ALA C 27 16.26 -21.14 -17.44
CA ALA C 27 16.99 -22.35 -17.12
C ALA C 27 16.05 -23.52 -16.80
N GLN C 28 14.81 -23.23 -16.48
CA GLN C 28 13.90 -24.27 -15.97
C GLN C 28 12.70 -24.55 -16.87
N PHE C 29 12.49 -23.71 -17.89
CA PHE C 29 11.40 -23.90 -18.84
C PHE C 29 11.98 -23.85 -20.26
N ASP C 30 11.39 -24.61 -21.19
CA ASP C 30 11.92 -24.65 -22.56
C ASP C 30 11.82 -23.30 -23.25
N GLU C 31 10.78 -22.55 -22.92
CA GLU C 31 10.45 -21.30 -23.57
C GLU C 31 10.05 -20.26 -22.55
N VAL C 32 10.62 -19.06 -22.63
CA VAL C 32 10.21 -17.97 -21.74
C VAL C 32 9.81 -16.75 -22.57
N ILE C 33 8.69 -16.15 -22.22
CA ILE C 33 8.29 -14.89 -22.82
C ILE C 33 8.28 -13.80 -21.75
N VAL C 34 9.04 -12.75 -21.97
CA VAL C 34 8.96 -11.58 -21.11
C VAL C 34 7.84 -10.70 -21.64
N ALA C 35 6.82 -10.49 -20.82
CA ALA C 35 5.65 -9.72 -21.21
C ALA C 35 5.73 -8.30 -20.70
N VAL C 36 5.87 -7.35 -21.61
CA VAL C 36 6.03 -5.94 -21.25
C VAL C 36 4.71 -5.19 -21.34
N LEU C 37 4.23 -4.70 -20.20
CA LEU C 37 2.94 -4.01 -20.15
C LEU C 37 2.93 -2.66 -20.85
N ILE C 38 1.94 -2.48 -21.73
CA ILE C 38 1.56 -1.17 -22.24
C ILE C 38 0.47 -0.62 -21.33
N ASN C 39 0.76 0.45 -20.60
CA ASN C 39 -0.15 0.91 -19.54
C ASN C 39 -0.70 2.31 -19.75
N ALA C 43 2.21 6.45 -17.33
CA ALA C 43 3.09 7.63 -17.30
C ALA C 43 4.49 7.27 -16.80
N GLY C 44 5.33 6.77 -17.70
CA GLY C 44 6.63 6.25 -17.32
C GLY C 44 7.83 6.95 -17.96
N MET C 45 9.02 6.42 -17.70
CA MET C 45 10.26 7.05 -18.16
C MET C 45 10.68 6.61 -19.56
N PHE C 46 10.58 5.30 -19.83
CA PHE C 46 10.99 4.78 -21.13
C PHE C 46 9.78 4.35 -21.95
N THR C 47 9.88 4.50 -23.26
CA THR C 47 8.80 4.02 -24.14
C THR C 47 8.82 2.50 -24.17
N VAL C 48 7.72 1.90 -24.62
CA VAL C 48 7.65 0.44 -24.71
C VAL C 48 8.79 -0.11 -25.58
N ASP C 49 9.05 0.55 -26.71
CA ASP C 49 10.12 0.10 -27.58
C ASP C 49 11.49 0.14 -26.89
N GLU C 50 11.75 1.18 -26.11
CA GLU C 50 13.03 1.28 -25.40
C GLU C 50 13.14 0.20 -24.32
N ARG C 51 12.02 -0.07 -23.64
CA ARG C 51 12.02 -1.08 -22.59
C ARG C 51 12.30 -2.46 -23.14
N ILE C 52 11.70 -2.75 -24.29
CA ILE C 52 11.94 -4.01 -24.98
C ILE C 52 13.40 -4.14 -25.42
N GLU C 53 13.92 -3.09 -26.06
CA GLU C 53 15.33 -3.07 -26.45
C GLU C 53 16.25 -3.39 -25.28
N MET C 54 16.04 -2.70 -24.16
CA MET C 54 16.88 -2.91 -22.97
C MET C 54 16.82 -4.34 -22.43
N ILE C 55 15.64 -4.95 -22.43
CA ILE C 55 15.53 -6.34 -22.01
C ILE C 55 16.21 -7.27 -23.02
N ARG C 56 15.96 -7.03 -24.31
CA ARG C 56 16.59 -7.85 -25.35
C ARG C 56 18.12 -7.78 -25.27
N GLU C 57 18.66 -6.58 -25.05
CA GLU C 57 20.11 -6.41 -24.93
C GLU C 57 20.67 -7.15 -23.73
N SER C 58 19.88 -7.21 -22.66
CA SER C 58 20.35 -7.78 -21.40
C SER C 58 20.18 -9.28 -21.36
N THR C 59 19.40 -9.82 -22.29
CA THR C 59 19.12 -11.26 -22.32
C THR C 59 19.64 -11.94 -23.57
N ALA C 60 20.66 -11.37 -24.21
CA ALA C 60 21.18 -11.90 -25.47
C ALA C 60 21.74 -13.31 -25.32
N ASP C 61 22.19 -13.65 -24.11
CA ASP C 61 22.77 -14.96 -23.84
C ASP C 61 21.73 -15.98 -23.39
N LEU C 62 20.45 -15.64 -23.57
CA LEU C 62 19.35 -16.56 -23.26
C LEU C 62 18.59 -16.88 -24.54
N PRO C 63 18.99 -17.94 -25.24
CA PRO C 63 18.43 -18.21 -26.58
C PRO C 63 16.94 -18.56 -26.57
N ASN C 64 16.45 -19.11 -25.46
CA ASN C 64 15.05 -19.53 -25.41
C ASN C 64 14.12 -18.49 -24.81
N LEU C 65 14.57 -17.24 -24.74
CA LEU C 65 13.75 -16.16 -24.21
C LEU C 65 13.44 -15.13 -25.29
N ARG C 66 12.18 -14.71 -25.36
CA ARG C 66 11.81 -13.60 -26.23
C ARG C 66 11.00 -12.56 -25.46
N VAL C 67 10.85 -11.40 -26.07
CA VAL C 67 10.30 -10.24 -25.40
C VAL C 67 9.18 -9.68 -26.27
N GLU C 68 8.01 -9.53 -25.68
CA GLU C 68 6.86 -9.04 -26.39
C GLU C 68 6.04 -8.11 -25.50
N SER C 69 5.40 -7.12 -26.11
CA SER C 69 4.53 -6.22 -25.38
C SER C 69 3.09 -6.71 -25.41
N GLY C 70 2.27 -6.19 -24.52
CA GLY C 70 0.88 -6.57 -24.46
C GLY C 70 0.06 -5.68 -23.56
N GLN C 71 -1.25 -5.87 -23.61
CA GLN C 71 -2.22 -5.04 -22.91
C GLN C 71 -3.33 -5.94 -22.37
N GLY C 72 -4.14 -5.44 -21.46
CA GLY C 72 -5.30 -6.19 -20.97
C GLY C 72 -4.94 -7.26 -19.95
N LEU C 73 -5.71 -8.33 -19.91
CA LEU C 73 -5.47 -9.40 -18.94
C LEU C 73 -4.20 -10.19 -19.23
N LEU C 74 -3.35 -10.32 -18.22
CA LEU C 74 -2.15 -11.14 -18.36
C LEU C 74 -2.49 -12.58 -18.78
N VAL C 75 -3.55 -13.15 -18.23
CA VAL C 75 -3.83 -14.53 -18.57
C VAL C 75 -4.20 -14.70 -20.03
N ASP C 76 -4.75 -13.66 -20.65
CA ASP C 76 -5.04 -13.71 -22.08
C ASP C 76 -3.74 -13.69 -22.89
N PHE C 77 -2.80 -12.87 -22.45
CA PHE C 77 -1.46 -12.86 -23.05
C PHE C 77 -0.83 -14.25 -22.99
N VAL C 78 -0.89 -14.87 -21.82
CA VAL C 78 -0.30 -16.17 -21.58
C VAL C 78 -0.98 -17.25 -22.44
N ARG C 79 -2.31 -17.35 -22.35
CA ARG C 79 -3.08 -18.40 -23.05
C ARG C 79 -3.02 -18.27 -24.57
N GLU C 80 -3.00 -17.04 -25.09
CA GLU C 80 -2.94 -16.83 -26.54
C GLU C 80 -1.62 -17.29 -27.15
N ARG C 81 -0.63 -17.57 -26.30
CA ARG C 81 0.65 -18.10 -26.74
C ARG C 81 0.83 -19.57 -26.39
N GLY C 82 -0.27 -20.22 -25.98
CA GLY C 82 -0.30 -21.64 -25.73
C GLY C 82 0.29 -22.07 -24.41
N LEU C 83 0.51 -21.10 -23.51
CA LEU C 83 1.12 -21.41 -22.22
C LEU C 83 0.11 -21.24 -21.10
N ASN C 84 0.42 -21.74 -19.90
CA ASN C 84 -0.44 -21.48 -18.76
C ASN C 84 0.37 -21.42 -17.46
N ALA C 85 1.53 -20.79 -17.55
CA ALA C 85 2.36 -20.54 -16.38
C ALA C 85 2.94 -19.13 -16.42
N ILE C 86 2.96 -18.50 -15.24
CA ILE C 86 3.57 -17.21 -14.99
C ILE C 86 4.69 -17.42 -13.99
N VAL C 87 5.86 -16.84 -14.24
CA VAL C 87 6.92 -16.84 -13.23
C VAL C 87 7.10 -15.40 -12.76
N LYS C 88 6.96 -15.20 -11.45
CA LYS C 88 7.03 -13.86 -10.85
C LYS C 88 8.11 -13.80 -9.79
N GLY C 89 8.97 -12.79 -9.84
CA GLY C 89 10.00 -12.66 -8.85
C GLY C 89 9.54 -11.98 -7.56
N LEU C 90 10.18 -12.34 -6.45
CA LEU C 90 9.95 -11.73 -5.15
C LEU C 90 11.19 -10.95 -4.72
N ARG C 91 10.96 -9.78 -4.16
CA ARG C 91 12.08 -8.99 -3.60
C ARG C 91 11.63 -8.36 -2.28
N THR C 92 12.54 -7.70 -1.61
CA THR C 92 12.14 -6.99 -0.38
C THR C 92 11.22 -5.86 -0.81
N GLY C 93 10.03 -5.81 -0.24
CA GLY C 93 9.09 -4.76 -0.68
C GLY C 93 8.02 -5.28 -1.61
N THR C 94 8.13 -6.51 -2.07
CA THR C 94 7.03 -7.02 -2.90
C THR C 94 5.77 -7.12 -2.03
N ASP C 95 4.67 -6.63 -2.55
CA ASP C 95 3.36 -6.80 -1.93
C ASP C 95 2.88 -8.21 -2.24
N PHE C 96 3.34 -9.18 -1.44
CA PHE C 96 3.10 -10.57 -1.75
C PHE C 96 1.63 -10.95 -1.58
N GLU C 97 0.95 -10.35 -0.62
CA GLU C 97 -0.47 -10.64 -0.39
C GLU C 97 -1.29 -10.30 -1.63
N TYR C 98 -0.97 -9.18 -2.27
CA TYR C 98 -1.69 -8.82 -3.49
C TYR C 98 -1.31 -9.78 -4.63
N GLU C 99 -0.04 -10.15 -4.71
CA GLU C 99 0.35 -11.11 -5.77
C GLU C 99 -0.37 -12.44 -5.58
N LEU C 100 -0.59 -12.84 -4.32
CA LEU C 100 -1.30 -14.12 -4.07
C LEU C 100 -2.76 -13.98 -4.51
N GLN C 101 -3.36 -12.85 -4.24
CA GLN C 101 -4.78 -12.65 -4.63
C GLN C 101 -4.89 -12.75 -6.15
N MET C 102 -3.95 -12.13 -6.84
CA MET C 102 -4.00 -12.15 -8.30
C MET C 102 -3.70 -13.54 -8.83
N ALA C 103 -2.80 -14.26 -8.15
CA ALA C 103 -2.49 -15.62 -8.57
C ALA C 103 -3.73 -16.50 -8.46
N GLN C 104 -4.48 -16.35 -7.37
CA GLN C 104 -5.67 -17.18 -7.19
C GLN C 104 -6.77 -16.79 -8.21
N MET C 105 -6.90 -15.49 -8.46
CA MET C 105 -7.85 -15.02 -9.48
C MET C 105 -7.46 -15.55 -10.86
N ASN C 106 -6.17 -15.46 -11.19
CA ASN C 106 -5.70 -15.90 -12.51
C ASN C 106 -5.87 -17.39 -12.74
N LYS C 107 -5.70 -18.19 -11.70
CA LYS C 107 -5.95 -19.63 -11.77
C LYS C 107 -7.44 -19.88 -11.97
N HIS C 108 -8.26 -19.12 -11.27
CA HIS C 108 -9.71 -19.31 -11.35
C HIS C 108 -10.27 -18.99 -12.73
N ILE C 109 -9.82 -17.90 -13.33
CA ILE C 109 -10.46 -17.45 -14.56
C ILE C 109 -9.87 -18.04 -15.82
N ALA C 110 -8.66 -18.61 -15.73
CA ALA C 110 -7.99 -19.07 -16.95
C ALA C 110 -7.15 -20.33 -16.77
N GLY C 111 -7.09 -20.88 -15.55
CA GLY C 111 -6.32 -22.09 -15.32
C GLY C 111 -4.81 -21.90 -15.39
N VAL C 112 -4.36 -20.65 -15.28
CA VAL C 112 -2.94 -20.32 -15.33
C VAL C 112 -2.30 -20.38 -13.95
N ASP C 113 -1.20 -21.12 -13.84
CA ASP C 113 -0.43 -21.26 -12.59
C ASP C 113 0.57 -20.14 -12.44
N THR C 114 0.82 -19.70 -11.22
CA THR C 114 1.85 -18.70 -10.95
C THR C 114 2.90 -19.28 -10.01
N PHE C 115 4.15 -19.23 -10.46
CA PHE C 115 5.28 -19.70 -9.68
C PHE C 115 6.06 -18.49 -9.24
N PHE C 116 6.32 -18.40 -7.94
CA PHE C 116 7.09 -17.30 -7.37
C PHE C 116 8.50 -17.75 -7.06
N VAL C 117 9.48 -16.91 -7.38
CA VAL C 117 10.86 -17.23 -7.04
C VAL C 117 11.55 -15.98 -6.47
N ALA C 118 12.29 -16.17 -5.39
CA ALA C 118 13.00 -15.05 -4.77
C ALA C 118 14.22 -14.64 -5.57
N THR C 119 14.35 -13.34 -5.85
CA THR C 119 15.55 -12.84 -6.50
C THR C 119 16.77 -13.02 -5.59
N ALA C 120 17.95 -13.05 -6.18
CA ALA C 120 19.19 -13.16 -5.40
C ALA C 120 19.30 -12.03 -4.37
N PRO C 121 19.86 -12.34 -3.18
CA PRO C 121 20.00 -11.32 -2.14
C PRO C 121 20.65 -10.02 -2.63
N ALA C 122 21.68 -10.12 -3.46
CA ALA C 122 22.35 -8.91 -3.96
C ALA C 122 21.39 -7.98 -4.71
N TYR C 123 20.35 -8.55 -5.30
CA TYR C 123 19.44 -7.76 -6.12
C TYR C 123 18.06 -7.65 -5.50
N SER C 124 17.99 -7.90 -4.18
CA SER C 124 16.70 -8.07 -3.52
C SER C 124 16.10 -6.74 -3.06
N PHE C 125 16.85 -5.65 -3.17
CA PHE C 125 16.29 -4.38 -2.72
C PHE C 125 16.18 -3.35 -3.83
N VAL C 126 16.58 -3.71 -5.05
CA VAL C 126 16.37 -2.80 -6.17
C VAL C 126 14.95 -2.98 -6.71
N SER C 127 14.36 -1.88 -7.16
CA SER C 127 13.11 -1.93 -7.91
C SER C 127 13.27 -0.89 -9.00
N SER C 128 12.45 -0.95 -10.04
CA SER C 128 12.56 0.06 -11.09
C SER C 128 12.29 1.45 -10.50
N SER C 129 11.27 1.56 -9.65
CA SER C 129 10.91 2.86 -9.10
CA SER C 129 10.90 2.85 -9.07
C SER C 129 11.98 3.43 -8.17
N LEU C 130 12.52 2.58 -7.29
CA LEU C 130 13.53 3.07 -6.35
C LEU C 130 14.83 3.38 -7.07
N ALA C 131 15.15 2.62 -8.11
CA ALA C 131 16.37 2.89 -8.90
C ALA C 131 16.29 4.26 -9.57
N LYS C 132 15.14 4.57 -10.15
CA LYS C 132 14.95 5.86 -10.81
C LYS C 132 15.04 7.00 -9.81
N GLU C 133 14.39 6.82 -8.66
CA GLU C 133 14.39 7.84 -7.61
C GLU C 133 15.80 8.14 -7.11
N VAL C 134 16.55 7.09 -6.77
CA VAL C 134 17.89 7.27 -6.27
C VAL C 134 18.78 7.91 -7.34
N ALA C 135 18.66 7.44 -8.58
CA ALA C 135 19.49 7.96 -9.67
C ALA C 135 19.20 9.43 -9.92
N THR C 136 17.93 9.80 -9.79
CA THR C 136 17.48 11.18 -10.00
C THR C 136 18.22 12.15 -9.09
N TYR C 137 18.49 11.72 -7.87
CA TYR C 137 19.16 12.56 -6.89
C TYR C 137 20.66 12.27 -6.79
N GLY C 138 21.20 11.59 -7.79
CA GLY C 138 22.64 11.37 -7.88
C GLY C 138 23.21 10.16 -7.17
N GLY C 139 22.33 9.27 -6.69
CA GLY C 139 22.80 8.06 -6.06
C GLY C 139 23.31 7.07 -7.10
N ASP C 140 24.31 6.27 -6.71
CA ASP C 140 24.94 5.30 -7.61
C ASP C 140 24.21 3.96 -7.61
N VAL C 141 23.45 3.70 -8.68
CA VAL C 141 22.75 2.43 -8.81
C VAL C 141 23.38 1.54 -9.89
N SER C 142 24.63 1.84 -10.27
CA SER C 142 25.26 1.13 -11.37
C SER C 142 25.44 -0.37 -11.09
N ALA C 143 25.52 -0.76 -9.81
CA ALA C 143 25.73 -2.15 -9.46
C ALA C 143 24.42 -2.95 -9.51
N LEU C 144 23.32 -2.26 -9.77
CA LEU C 144 21.97 -2.85 -9.63
C LEU C 144 21.20 -2.93 -10.95
N LEU C 145 21.81 -2.44 -12.01
CA LEU C 145 21.20 -2.41 -13.34
C LEU C 145 22.16 -2.99 -14.37
N PRO C 146 21.63 -3.54 -15.45
CA PRO C 146 22.53 -3.93 -16.55
C PRO C 146 23.29 -2.71 -17.05
N ALA C 147 24.55 -2.89 -17.47
CA ALA C 147 25.42 -1.76 -17.85
C ALA C 147 24.78 -0.89 -18.91
N SER C 148 24.14 -1.53 -19.88
CA SER C 148 23.42 -0.83 -20.92
C SER C 148 22.33 0.06 -20.36
N VAL C 149 21.45 -0.52 -19.52
CA VAL C 149 20.35 0.21 -18.91
C VAL C 149 20.82 1.43 -18.14
N HIS C 150 21.87 1.24 -17.35
CA HIS C 150 22.41 2.29 -16.52
C HIS C 150 22.79 3.53 -17.33
N GLN C 151 23.49 3.32 -18.44
CA GLN C 151 23.89 4.44 -19.30
C GLN C 151 22.70 5.11 -19.96
N ARG C 152 21.66 4.35 -20.29
CA ARG C 152 20.48 4.97 -20.90
C ARG C 152 19.65 5.75 -19.90
N LEU C 153 19.61 5.28 -18.66
CA LEU C 153 18.99 6.01 -17.57
C LEU C 153 19.67 7.36 -17.36
N LEU C 154 21.01 7.35 -17.33
CA LEU C 154 21.77 8.58 -17.17
C LEU C 154 21.42 9.56 -18.29
N GLY C 155 21.23 9.03 -19.49
CA GLY C 155 20.84 9.84 -20.64
C GLY C 155 19.49 10.52 -20.46
N LYS C 156 18.51 9.76 -19.97
CA LYS C 156 17.17 10.30 -19.75
C LYS C 156 17.13 11.40 -18.70
N LEU C 157 18.00 11.28 -17.69
CA LEU C 157 18.05 12.25 -16.60
C LEU C 157 18.78 13.52 -17.04
N ARG C 158 19.91 13.35 -17.72
CA ARG C 158 20.71 14.47 -18.19
C ARG C 158 20.41 14.76 -19.66
S SO4 D . 3.81 8.22 10.55
O1 SO4 D . 3.35 7.47 9.38
O2 SO4 D . 3.63 7.44 11.78
O3 SO4 D . 3.07 9.46 10.66
O4 SO4 D . 5.24 8.52 10.42
C10 BZJ E . -15.42 2.58 5.11
O1 BZJ E . -14.21 2.86 5.20
O BZJ E . -15.80 1.49 4.59
C6 BZJ E . -16.45 3.55 5.63
C7 BZJ E . -17.82 3.34 5.42
C8 BZJ E . -18.74 4.27 5.94
C3 BZJ E . -18.30 5.36 6.65
C4 BZJ E . -16.92 5.55 6.86
C5 BZJ E . -16.01 4.65 6.36
O2 BZJ E . -14.63 4.85 6.58
C2 BZJ E . -19.22 6.29 7.17
C1 BZJ E . -20.58 6.10 6.96
C BZJ E . -21.03 4.99 6.23
C9 BZJ E . -20.11 4.09 5.72
S SO4 F . -13.16 -5.58 -0.98
O1 SO4 F . -13.86 -5.02 0.18
O2 SO4 F . -12.90 -7.01 -0.74
O3 SO4 F . -11.89 -4.87 -1.16
O4 SO4 F . -13.93 -5.39 -2.20
C10 BZJ G . 1.61 -6.96 -15.02
O1 BZJ G . 2.85 -6.87 -14.88
O BZJ G . 0.83 -6.89 -14.03
C6 BZJ G . 1.02 -7.21 -16.38
C7 BZJ G . 1.80 -7.34 -17.53
C8 BZJ G . 1.18 -7.58 -18.77
C3 BZJ G . -0.20 -7.69 -18.84
C4 BZJ G . -0.98 -7.56 -17.68
C5 BZJ G . -0.37 -7.33 -16.46
O2 BZJ G . -1.13 -7.19 -15.28
C2 BZJ G . -0.83 -7.93 -20.07
C1 BZJ G . -0.06 -8.07 -21.23
C BZJ G . 1.32 -7.95 -21.17
C9 BZJ G . 1.95 -7.72 -19.94
S SO4 H . 9.96 -4.14 -9.52
O1 SO4 H . 8.97 -3.46 -8.68
O2 SO4 H . 9.25 -5.09 -10.39
O3 SO4 H . 10.65 -3.15 -10.31
O4 SO4 H . 10.90 -4.93 -8.71
#